data_3AT5
#
_entry.id   3AT5
#
_cell.length_a   85.935
_cell.length_b   85.935
_cell.length_c   103.779
_cell.angle_alpha   90.00
_cell.angle_beta   90.00
_cell.angle_gamma   90.00
#
_symmetry.space_group_name_H-M   'P 41 21 2'
#
loop_
_entity.id
_entity.type
_entity.pdbx_description
1 polymer AlphaA-globin
2 polymer Beta-globin
3 non-polymer 'PROTOPORPHYRIN IX CONTAINING FE'
4 water water
#
loop_
_entity_poly.entity_id
_entity_poly.type
_entity_poly.pdbx_seq_one_letter_code
_entity_poly.pdbx_strand_id
1 'polypeptide(L)'
;VLSPGDKANVKTVWSKVSGHVEDYGAETLERLFRVYPSTKTYFPHFDLHHDSAQIRTHGKKVLTAIGEAVSHIDDIASAL
SKLSDLHAQTLRVDPVNFKLLSHSFLVVLAVHAPSLLTPEVHVSLDKFLVAVSNVLTSKYR
;
A
2 'polypeptide(L)'
;SDFTQEERQFIVNLWGRVDVEQIGAEALARLLIVYPWTQRFFSSFGNLSSPSAILHNAKVHAHGKKVLTSFGEAVKNLDQ
IKQTFAQLSELHSDKLHVDPENFKLLGNILIIVLAAHFGKDFTPASQAAWQKLVSAVAHALALRYH
;
B
#
loop_
_chem_comp.id
_chem_comp.type
_chem_comp.name
_chem_comp.formula
HEM non-polymer 'PROTOPORPHYRIN IX CONTAINING FE' 'C34 H32 Fe N4 O4'
#
# COMPACT_ATOMS: atom_id res chain seq x y z
N VAL A 1 -1.33 11.77 15.62
CA VAL A 1 -1.18 13.25 15.70
C VAL A 1 -0.41 13.80 14.49
N LEU A 2 -1.06 14.65 13.71
CA LEU A 2 -0.44 15.25 12.54
C LEU A 2 0.42 16.44 12.94
N SER A 3 1.68 16.42 12.52
CA SER A 3 2.60 17.49 12.84
C SER A 3 2.53 18.57 11.77
N PRO A 4 3.04 19.77 12.08
CA PRO A 4 3.03 20.86 11.10
C PRO A 4 3.68 20.39 9.81
N GLY A 5 4.72 19.58 9.95
CA GLY A 5 5.40 19.05 8.78
C GLY A 5 4.49 18.15 7.97
N ASP A 6 3.72 17.30 8.67
CA ASP A 6 2.80 16.39 7.99
C ASP A 6 1.71 17.14 7.24
N LYS A 7 1.14 18.17 7.87
CA LYS A 7 0.08 18.94 7.23
C LYS A 7 0.62 19.62 5.98
N ALA A 8 1.82 20.16 6.10
CA ALA A 8 2.46 20.81 4.96
C ALA A 8 2.62 19.82 3.82
N ASN A 9 3.01 18.58 4.15
CA ASN A 9 3.19 17.57 3.10
C ASN A 9 1.87 17.18 2.47
N VAL A 10 0.83 17.04 3.29
CA VAL A 10 -0.48 16.66 2.78
C VAL A 10 -0.99 17.73 1.81
N LYS A 11 -0.85 19.01 2.18
CA LYS A 11 -1.30 20.09 1.30
C LYS A 11 -0.52 20.03 -0.01
N THR A 12 0.77 19.74 0.08
CA THR A 12 1.62 19.63 -1.09
C THR A 12 1.07 18.52 -1.98
N VAL A 13 0.58 17.46 -1.36
CA VAL A 13 0.02 16.33 -2.10
C VAL A 13 -1.28 16.71 -2.79
N TRP A 14 -2.16 17.42 -2.09
CA TRP A 14 -3.43 17.79 -2.68
C TRP A 14 -3.32 18.76 -3.86
N SER A 15 -2.34 19.64 -3.83
CA SER A 15 -2.19 20.58 -4.94
C SER A 15 -1.88 19.79 -6.21
N LYS A 16 -1.28 18.61 -6.02
CA LYS A 16 -0.96 17.74 -7.16
C LYS A 16 -2.25 17.04 -7.59
N VAL A 17 -3.05 16.67 -6.60
CA VAL A 17 -4.32 15.97 -6.84
C VAL A 17 -5.37 16.87 -7.46
N SER A 18 -5.42 18.12 -7.01
CA SER A 18 -6.36 19.10 -7.55
C SER A 18 -6.21 19.12 -9.06
N GLY A 19 -7.33 19.07 -9.77
CA GLY A 19 -7.26 19.05 -11.23
C GLY A 19 -7.41 17.64 -11.75
N HIS A 20 -7.23 16.66 -10.87
CA HIS A 20 -7.36 15.25 -11.25
C HIS A 20 -8.20 14.50 -10.19
N VAL A 21 -9.11 15.22 -9.54
CA VAL A 21 -9.95 14.60 -8.52
C VAL A 21 -10.72 13.40 -9.07
N GLU A 22 -11.37 13.58 -10.21
CA GLU A 22 -12.14 12.49 -10.78
C GLU A 22 -11.28 11.37 -11.35
N ASP A 23 -10.24 11.75 -12.10
CA ASP A 23 -9.35 10.76 -12.69
C ASP A 23 -8.70 9.89 -11.62
N TYR A 24 -8.11 10.54 -10.63
CA TYR A 24 -7.43 9.84 -9.55
C TYR A 24 -8.44 9.11 -8.66
N GLY A 25 -9.60 9.73 -8.46
CA GLY A 25 -10.64 9.12 -7.65
C GLY A 25 -11.10 7.82 -8.27
N ALA A 26 -11.35 7.84 -9.57
CA ALA A 26 -11.81 6.66 -10.29
C ALA A 26 -10.77 5.54 -10.28
N GLU A 27 -9.51 5.90 -10.53
CA GLU A 27 -8.45 4.89 -10.54
C GLU A 27 -8.29 4.28 -9.15
N THR A 28 -8.38 5.12 -8.11
CA THR A 28 -8.28 4.64 -6.74
C THR A 28 -9.29 3.51 -6.54
N LEU A 29 -10.55 3.77 -6.91
CA LEU A 29 -11.61 2.78 -6.76
C LEU A 29 -11.38 1.57 -7.66
N GLU A 30 -10.91 1.83 -8.88
CA GLU A 30 -10.64 0.76 -9.83
C GLU A 30 -9.59 -0.20 -9.27
N ARG A 31 -8.56 0.33 -8.62
CA ARG A 31 -7.52 -0.53 -8.05
C ARG A 31 -8.07 -1.24 -6.81
N LEU A 32 -8.97 -0.58 -6.09
CA LEU A 32 -9.57 -1.19 -4.91
C LEU A 32 -10.35 -2.44 -5.35
N PHE A 33 -11.26 -2.26 -6.32
CA PHE A 33 -12.08 -3.35 -6.83
C PHE A 33 -11.34 -4.47 -7.55
N ARG A 34 -10.32 -4.11 -8.34
CA ARG A 34 -9.57 -5.12 -9.07
C ARG A 34 -8.61 -5.93 -8.20
N VAL A 35 -7.97 -5.25 -7.24
CA VAL A 35 -7.01 -5.90 -6.36
C VAL A 35 -7.64 -6.62 -5.16
N TYR A 36 -8.72 -6.06 -4.64
CA TYR A 36 -9.43 -6.65 -3.50
C TYR A 36 -10.89 -6.83 -3.88
N PRO A 37 -11.18 -7.85 -4.71
CA PRO A 37 -12.53 -8.20 -5.20
C PRO A 37 -13.65 -8.09 -4.19
N SER A 38 -13.41 -8.57 -2.97
CA SER A 38 -14.43 -8.53 -1.92
C SER A 38 -15.05 -7.13 -1.81
N THR A 39 -14.24 -6.11 -2.08
CA THR A 39 -14.68 -4.74 -1.99
C THR A 39 -15.87 -4.40 -2.91
N LYS A 40 -16.01 -5.15 -4.00
CA LYS A 40 -17.09 -4.88 -4.93
C LYS A 40 -18.48 -5.15 -4.33
N THR A 41 -18.55 -6.07 -3.38
CA THR A 41 -19.83 -6.42 -2.75
C THR A 41 -20.48 -5.24 -2.04
N TYR A 42 -19.71 -4.19 -1.77
CA TYR A 42 -20.25 -3.00 -1.11
C TYR A 42 -20.93 -2.09 -2.14
N PHE A 43 -20.76 -2.39 -3.43
CA PHE A 43 -21.35 -1.55 -4.48
C PHE A 43 -22.14 -2.38 -5.51
N PRO A 44 -23.16 -3.12 -5.05
CA PRO A 44 -23.98 -3.96 -5.94
C PRO A 44 -24.79 -3.22 -7.01
N HIS A 45 -25.06 -1.94 -6.76
CA HIS A 45 -25.85 -1.14 -7.68
C HIS A 45 -24.96 -0.27 -8.57
N PHE A 46 -23.69 -0.65 -8.63
CA PHE A 46 -22.72 0.05 -9.45
C PHE A 46 -22.26 -0.81 -10.62
N ASP A 47 -22.12 -0.18 -11.78
CA ASP A 47 -21.61 -0.89 -12.95
C ASP A 47 -20.12 -0.77 -12.66
N LEU A 48 -19.47 -1.88 -12.35
CA LEU A 48 -18.05 -1.82 -12.01
C LEU A 48 -17.07 -2.01 -13.15
N HIS A 49 -17.49 -1.66 -14.36
CA HIS A 49 -16.61 -1.78 -15.52
C HIS A 49 -15.51 -0.73 -15.43
N HIS A 50 -14.37 -1.04 -16.05
CA HIS A 50 -13.21 -0.17 -16.08
C HIS A 50 -13.44 1.30 -15.71
N ASP A 51 -14.06 2.04 -16.62
CA ASP A 51 -14.29 3.47 -16.39
C ASP A 51 -15.76 3.85 -16.49
N SER A 52 -16.62 3.14 -15.77
CA SER A 52 -18.05 3.43 -15.80
C SER A 52 -18.32 4.81 -15.22
N ALA A 53 -19.45 5.40 -15.62
CA ALA A 53 -19.84 6.73 -15.14
C ALA A 53 -20.03 6.73 -13.62
N GLN A 54 -20.63 5.66 -13.10
CA GLN A 54 -20.86 5.51 -11.67
C GLN A 54 -19.56 5.52 -10.88
N ILE A 55 -18.55 4.79 -11.37
CA ILE A 55 -17.27 4.76 -10.68
C ILE A 55 -16.57 6.11 -10.72
N ARG A 56 -16.67 6.79 -11.86
CA ARG A 56 -16.05 8.10 -11.99
C ARG A 56 -16.75 9.11 -11.08
N THR A 57 -18.06 9.01 -11.01
CA THR A 57 -18.83 9.90 -10.17
C THR A 57 -18.51 9.65 -8.71
N HIS A 58 -18.55 8.38 -8.30
CA HIS A 58 -18.24 8.06 -6.92
C HIS A 58 -16.80 8.34 -6.55
N GLY A 59 -15.88 8.03 -7.47
CA GLY A 59 -14.48 8.27 -7.19
C GLY A 59 -14.23 9.74 -6.94
N LYS A 60 -14.95 10.58 -7.67
CA LYS A 60 -14.82 12.02 -7.53
C LYS A 60 -15.30 12.45 -6.14
N LYS A 61 -16.45 11.94 -5.73
CA LYS A 61 -17.01 12.27 -4.42
C LYS A 61 -16.08 11.88 -3.28
N VAL A 62 -15.51 10.68 -3.36
CA VAL A 62 -14.61 10.21 -2.31
C VAL A 62 -13.37 11.08 -2.21
N LEU A 63 -12.71 11.33 -3.33
CA LEU A 63 -11.51 12.14 -3.29
C LEU A 63 -11.84 13.59 -2.94
N THR A 64 -13.05 14.03 -3.29
CA THR A 64 -13.47 15.39 -2.98
C THR A 64 -13.63 15.51 -1.47
N ALA A 65 -14.10 14.43 -0.83
CA ALA A 65 -14.29 14.46 0.62
C ALA A 65 -12.92 14.50 1.28
N ILE A 66 -11.94 13.83 0.68
CA ILE A 66 -10.60 13.83 1.22
C ILE A 66 -10.06 15.25 1.10
N GLY A 67 -10.41 15.92 0.01
CA GLY A 67 -9.97 17.30 -0.19
C GLY A 67 -10.48 18.15 0.96
N GLU A 68 -11.72 17.88 1.39
CA GLU A 68 -12.32 18.61 2.50
C GLU A 68 -11.49 18.46 3.77
N ALA A 69 -11.05 17.23 4.05
CA ALA A 69 -10.24 16.96 5.24
C ALA A 69 -8.90 17.68 5.16
N VAL A 70 -8.38 17.84 3.94
CA VAL A 70 -7.12 18.55 3.77
C VAL A 70 -7.34 20.04 4.06
N SER A 71 -8.47 20.57 3.61
CA SER A 71 -8.80 21.98 3.84
C SER A 71 -8.97 22.24 5.33
N HIS A 72 -9.66 21.33 6.00
CA HIS A 72 -9.91 21.46 7.43
C HIS A 72 -9.08 20.41 8.15
N ILE A 73 -7.81 20.36 7.80
CA ILE A 73 -6.87 19.39 8.36
C ILE A 73 -6.64 19.60 9.85
N ASP A 74 -6.96 20.79 10.36
CA ASP A 74 -6.79 21.06 11.78
C ASP A 74 -7.89 20.37 12.57
N ASP A 75 -9.02 20.09 11.93
CA ASP A 75 -10.14 19.42 12.57
C ASP A 75 -10.90 18.56 11.55
N ILE A 76 -10.28 17.46 11.15
CA ILE A 76 -10.86 16.54 10.17
C ILE A 76 -12.24 16.02 10.59
N ALA A 77 -12.39 15.73 11.88
CA ALA A 77 -13.63 15.21 12.42
C ALA A 77 -14.85 15.98 11.93
N SER A 78 -14.97 17.22 12.38
CA SER A 78 -16.11 18.04 11.99
C SER A 78 -16.23 18.21 10.48
N ALA A 79 -15.12 18.00 9.76
CA ALA A 79 -15.15 18.14 8.31
C ALA A 79 -15.81 16.94 7.64
N LEU A 80 -15.63 15.76 8.23
CA LEU A 80 -16.19 14.53 7.68
C LEU A 80 -17.18 13.85 8.62
N SER A 81 -17.70 14.60 9.57
CA SER A 81 -18.65 14.06 10.53
C SER A 81 -19.90 13.53 9.84
N LYS A 82 -20.30 14.18 8.75
CA LYS A 82 -21.50 13.77 8.02
C LYS A 82 -21.36 12.43 7.32
N LEU A 83 -20.14 11.90 7.25
CA LEU A 83 -19.88 10.62 6.58
C LEU A 83 -19.63 9.52 7.61
N SER A 84 -19.40 9.91 8.85
CA SER A 84 -19.11 8.97 9.92
C SER A 84 -20.24 7.98 10.18
N ASP A 85 -21.41 8.49 10.57
CA ASP A 85 -22.53 7.59 10.82
C ASP A 85 -22.92 6.81 9.59
N LEU A 86 -22.90 7.47 8.44
CA LEU A 86 -23.26 6.82 7.20
C LEU A 86 -22.46 5.53 6.97
N HIS A 87 -21.14 5.60 7.12
CA HIS A 87 -20.29 4.44 6.91
C HIS A 87 -20.33 3.38 8.00
N ALA A 88 -20.24 3.79 9.26
CA ALA A 88 -20.22 2.86 10.38
C ALA A 88 -21.57 2.32 10.82
N GLN A 89 -22.54 3.22 10.99
CA GLN A 89 -23.87 2.84 11.45
C GLN A 89 -24.81 2.34 10.35
N THR A 90 -24.99 3.15 9.31
CA THR A 90 -25.90 2.73 8.25
C THR A 90 -25.36 1.66 7.31
N LEU A 91 -24.16 1.87 6.77
CA LEU A 91 -23.59 0.89 5.84
C LEU A 91 -22.86 -0.25 6.53
N ARG A 92 -22.35 0.00 7.73
CA ARG A 92 -21.65 -1.02 8.50
C ARG A 92 -20.45 -1.55 7.72
N VAL A 93 -19.66 -0.63 7.17
CA VAL A 93 -18.47 -1.00 6.42
C VAL A 93 -17.47 -1.66 7.38
N ASP A 94 -16.89 -2.78 6.97
CA ASP A 94 -15.92 -3.46 7.80
C ASP A 94 -14.69 -2.53 7.80
N PRO A 95 -14.20 -2.14 8.98
CA PRO A 95 -13.04 -1.24 9.05
C PRO A 95 -11.77 -1.62 8.30
N VAL A 96 -11.59 -2.90 7.99
CA VAL A 96 -10.39 -3.30 7.26
C VAL A 96 -10.35 -2.63 5.89
N ASN A 97 -11.53 -2.38 5.32
CA ASN A 97 -11.60 -1.75 4.01
C ASN A 97 -11.00 -0.35 3.90
N PHE A 98 -10.98 0.40 5.00
CA PHE A 98 -10.41 1.75 4.92
C PHE A 98 -8.91 1.69 4.66
N LYS A 99 -8.25 0.65 5.14
CA LYS A 99 -6.81 0.48 4.91
C LYS A 99 -6.56 0.13 3.45
N LEU A 100 -7.45 -0.67 2.88
CA LEU A 100 -7.32 -1.06 1.50
C LEU A 100 -7.49 0.15 0.59
N LEU A 101 -8.44 1.02 0.93
CA LEU A 101 -8.68 2.21 0.11
C LEU A 101 -7.52 3.19 0.26
N SER A 102 -7.01 3.36 1.49
CA SER A 102 -5.89 4.26 1.70
C SER A 102 -4.70 3.76 0.89
N HIS A 103 -4.44 2.46 0.98
CA HIS A 103 -3.35 1.87 0.22
C HIS A 103 -3.57 2.09 -1.29
N SER A 104 -4.80 1.89 -1.75
CA SER A 104 -5.12 2.08 -3.17
C SER A 104 -4.81 3.50 -3.63
N PHE A 105 -5.15 4.50 -2.82
CA PHE A 105 -4.88 5.89 -3.17
C PHE A 105 -3.37 6.13 -3.27
N LEU A 106 -2.63 5.57 -2.33
CA LEU A 106 -1.17 5.72 -2.32
C LEU A 106 -0.58 5.12 -3.59
N VAL A 107 -1.15 4.02 -4.07
CA VAL A 107 -0.64 3.40 -5.28
C VAL A 107 -0.87 4.34 -6.47
N VAL A 108 -2.07 4.91 -6.52
CA VAL A 108 -2.40 5.83 -7.60
C VAL A 108 -1.44 7.00 -7.60
N LEU A 109 -1.11 7.51 -6.42
CA LEU A 109 -0.19 8.63 -6.30
C LEU A 109 1.21 8.25 -6.75
N ALA A 110 1.66 7.06 -6.34
CA ALA A 110 2.99 6.60 -6.73
C ALA A 110 3.06 6.49 -8.25
N VAL A 111 2.00 6.01 -8.86
CA VAL A 111 1.96 5.86 -10.30
C VAL A 111 2.07 7.21 -11.01
N HIS A 112 1.29 8.18 -10.56
CA HIS A 112 1.28 9.49 -11.19
C HIS A 112 2.28 10.53 -10.71
N ALA A 113 2.71 10.43 -9.45
CA ALA A 113 3.67 11.41 -8.94
C ALA A 113 4.74 10.74 -8.08
N PRO A 114 5.56 9.88 -8.70
CA PRO A 114 6.62 9.17 -7.97
C PRO A 114 7.56 10.10 -7.20
N SER A 115 8.02 11.16 -7.87
CA SER A 115 8.93 12.11 -7.26
C SER A 115 8.29 12.78 -6.05
N LEU A 116 7.00 13.06 -6.15
CA LEU A 116 6.27 13.69 -5.06
C LEU A 116 6.20 12.74 -3.87
N LEU A 117 5.88 11.48 -4.15
CA LEU A 117 5.73 10.48 -3.10
C LEU A 117 7.06 10.03 -2.48
N THR A 118 7.75 10.96 -1.83
CA THR A 118 9.01 10.63 -1.17
C THR A 118 8.67 9.89 0.14
N PRO A 119 9.68 9.27 0.77
CA PRO A 119 9.41 8.55 2.02
C PRO A 119 8.75 9.46 3.07
N GLU A 120 9.26 10.69 3.18
CA GLU A 120 8.72 11.65 4.12
C GLU A 120 7.27 12.01 3.81
N VAL A 121 6.95 12.21 2.53
CA VAL A 121 5.58 12.52 2.15
C VAL A 121 4.70 11.28 2.37
N HIS A 122 5.25 10.11 2.04
CA HIS A 122 4.56 8.82 2.20
C HIS A 122 4.13 8.67 3.66
N VAL A 123 5.02 9.03 4.58
CA VAL A 123 4.73 8.96 6.01
C VAL A 123 3.57 9.89 6.40
N SER A 124 3.64 11.15 5.95
CA SER A 124 2.61 12.12 6.29
C SER A 124 1.24 11.75 5.73
N LEU A 125 1.21 11.32 4.47
CA LEU A 125 -0.04 10.95 3.83
C LEU A 125 -0.64 9.69 4.47
N ASP A 126 0.22 8.78 4.92
CA ASP A 126 -0.26 7.55 5.55
C ASP A 126 -0.90 7.90 6.89
N LYS A 127 -0.27 8.83 7.61
CA LYS A 127 -0.79 9.25 8.89
C LYS A 127 -2.11 9.96 8.66
N PHE A 128 -2.17 10.76 7.60
CA PHE A 128 -3.36 11.51 7.24
C PHE A 128 -4.53 10.59 6.87
N LEU A 129 -4.27 9.64 5.97
CA LEU A 129 -5.32 8.71 5.58
C LEU A 129 -5.78 7.90 6.77
N VAL A 130 -4.89 7.67 7.73
CA VAL A 130 -5.24 6.93 8.94
C VAL A 130 -6.18 7.78 9.79
N ALA A 131 -5.86 9.06 9.94
CA ALA A 131 -6.71 9.94 10.75
C ALA A 131 -8.06 10.14 10.06
N VAL A 132 -8.03 10.30 8.75
CA VAL A 132 -9.27 10.48 7.99
C VAL A 132 -10.18 9.28 8.17
N SER A 133 -9.64 8.07 8.01
CA SER A 133 -10.49 6.90 8.17
C SER A 133 -10.86 6.62 9.62
N ASN A 134 -10.07 7.15 10.56
CA ASN A 134 -10.41 6.96 11.98
C ASN A 134 -11.71 7.69 12.25
N VAL A 135 -11.89 8.83 11.57
CA VAL A 135 -13.10 9.62 11.72
C VAL A 135 -14.32 8.84 11.19
N LEU A 136 -14.10 8.09 10.13
CA LEU A 136 -15.20 7.35 9.54
C LEU A 136 -15.48 6.02 10.23
N THR A 137 -14.59 5.63 11.15
CA THR A 137 -14.79 4.38 11.89
C THR A 137 -15.01 4.68 13.38
N SER A 138 -15.06 5.97 13.72
CA SER A 138 -15.25 6.34 15.12
C SER A 138 -16.69 6.15 15.64
N LYS A 139 -17.65 5.97 14.75
CA LYS A 139 -19.05 5.82 15.19
C LYS A 139 -19.58 4.39 15.26
N TYR A 140 -18.71 3.39 15.31
CA TYR A 140 -19.18 2.01 15.39
C TYR A 140 -19.81 1.67 16.72
N ARG A 141 -19.12 2.05 17.79
CA ARG A 141 -19.56 1.75 19.15
C ARG A 141 -19.19 2.85 20.13
N SER B 1 -6.79 -17.70 -5.11
CA SER B 1 -5.47 -18.08 -4.52
C SER B 1 -4.49 -18.55 -5.60
N ASP B 2 -4.92 -19.52 -6.39
CA ASP B 2 -4.09 -20.03 -7.46
C ASP B 2 -3.87 -18.95 -8.52
N PHE B 3 -2.66 -18.91 -9.08
CA PHE B 3 -2.31 -17.93 -10.09
C PHE B 3 -2.84 -18.28 -11.48
N THR B 4 -3.53 -17.33 -12.10
CA THR B 4 -4.07 -17.54 -13.45
C THR B 4 -2.92 -17.33 -14.41
N GLN B 5 -3.13 -17.65 -15.68
CA GLN B 5 -2.10 -17.47 -16.69
C GLN B 5 -1.76 -16.00 -16.85
N GLU B 6 -2.78 -15.14 -16.81
CA GLU B 6 -2.58 -13.71 -16.94
C GLU B 6 -1.74 -13.17 -15.79
N GLU B 7 -2.07 -13.56 -14.56
CA GLU B 7 -1.33 -13.12 -13.38
C GLU B 7 0.12 -13.57 -13.47
N ARG B 8 0.33 -14.82 -13.91
CA ARG B 8 1.67 -15.36 -14.07
C ARG B 8 2.47 -14.50 -15.06
N GLN B 9 1.80 -14.07 -16.12
CA GLN B 9 2.43 -13.24 -17.14
C GLN B 9 2.80 -11.84 -16.66
N PHE B 10 1.96 -11.24 -15.82
CA PHE B 10 2.23 -9.91 -15.28
C PHE B 10 3.44 -9.97 -14.36
N ILE B 11 3.45 -10.99 -13.52
CA ILE B 11 4.52 -11.20 -12.56
C ILE B 11 5.86 -11.42 -13.25
N VAL B 12 5.90 -12.32 -14.22
CA VAL B 12 7.14 -12.58 -14.92
C VAL B 12 7.58 -11.37 -15.74
N ASN B 13 6.64 -10.71 -16.41
CA ASN B 13 7.00 -9.55 -17.21
C ASN B 13 7.63 -8.43 -16.39
N LEU B 14 6.94 -8.05 -15.31
CA LEU B 14 7.43 -6.98 -14.45
C LEU B 14 8.74 -7.39 -13.78
N TRP B 15 8.84 -8.66 -13.37
CA TRP B 15 10.06 -9.11 -12.71
C TRP B 15 11.25 -8.97 -13.65
N GLY B 16 11.04 -9.29 -14.91
CA GLY B 16 12.12 -9.19 -15.88
C GLY B 16 12.69 -7.79 -15.97
N ARG B 17 11.88 -6.78 -15.64
CA ARG B 17 12.31 -5.39 -15.70
C ARG B 17 12.78 -4.86 -14.34
N VAL B 18 12.74 -5.70 -13.32
CA VAL B 18 13.15 -5.26 -11.99
C VAL B 18 14.64 -5.36 -11.67
N ASP B 19 15.18 -4.25 -11.17
CA ASP B 19 16.57 -4.16 -10.73
C ASP B 19 16.43 -4.48 -9.23
N VAL B 20 16.83 -5.68 -8.84
CA VAL B 20 16.71 -6.09 -7.44
C VAL B 20 17.36 -5.16 -6.42
N GLU B 21 18.52 -4.61 -6.75
CA GLU B 21 19.19 -3.72 -5.81
C GLU B 21 18.37 -2.45 -5.62
N GLN B 22 18.08 -1.79 -6.73
CA GLN B 22 17.31 -0.55 -6.70
C GLN B 22 15.97 -0.71 -6.00
N ILE B 23 15.14 -1.64 -6.47
CA ILE B 23 13.81 -1.85 -5.89
C ILE B 23 13.89 -2.29 -4.42
N GLY B 24 14.78 -3.24 -4.14
CA GLY B 24 14.93 -3.75 -2.79
C GLY B 24 15.42 -2.76 -1.75
N ALA B 25 16.38 -1.92 -2.13
CA ALA B 25 16.92 -0.91 -1.22
C ALA B 25 15.82 0.10 -0.87
N GLU B 26 15.05 0.49 -1.87
CA GLU B 26 13.97 1.45 -1.73
C GLU B 26 12.86 0.88 -0.84
N ALA B 27 12.50 -0.38 -1.08
CA ALA B 27 11.45 -1.02 -0.28
C ALA B 27 11.86 -1.23 1.17
N LEU B 28 13.08 -1.71 1.40
CA LEU B 28 13.51 -1.93 2.78
C LEU B 28 13.60 -0.59 3.53
N ALA B 29 14.11 0.43 2.86
CA ALA B 29 14.23 1.75 3.45
C ALA B 29 12.85 2.28 3.83
N ARG B 30 11.90 2.21 2.90
CA ARG B 30 10.54 2.69 3.16
C ARG B 30 9.86 1.93 4.28
N LEU B 31 10.17 0.65 4.39
CA LEU B 31 9.60 -0.16 5.46
C LEU B 31 10.12 0.40 6.78
N LEU B 32 11.43 0.60 6.86
CA LEU B 32 12.05 1.12 8.07
C LEU B 32 11.56 2.53 8.41
N ILE B 33 11.30 3.34 7.40
CA ILE B 33 10.85 4.71 7.59
C ILE B 33 9.34 4.89 7.83
N VAL B 34 8.53 4.26 6.98
CA VAL B 34 7.08 4.38 7.12
C VAL B 34 6.53 3.63 8.33
N TYR B 35 7.22 2.55 8.73
CA TYR B 35 6.81 1.73 9.87
C TYR B 35 8.05 1.51 10.76
N PRO B 36 8.57 2.60 11.35
CA PRO B 36 9.77 2.65 12.21
C PRO B 36 9.97 1.58 13.27
N TRP B 37 8.91 1.01 13.81
CA TRP B 37 9.09 -0.03 14.82
C TRP B 37 9.81 -1.23 14.22
N THR B 38 9.80 -1.36 12.90
CA THR B 38 10.49 -2.49 12.28
C THR B 38 12.00 -2.37 12.45
N GLN B 39 12.48 -1.16 12.77
CA GLN B 39 13.90 -0.94 12.96
C GLN B 39 14.43 -1.78 14.13
N ARG B 40 13.54 -2.23 15.01
CA ARG B 40 13.97 -3.02 16.16
C ARG B 40 14.61 -4.36 15.77
N PHE B 41 14.40 -4.78 14.51
CA PHE B 41 14.95 -6.04 14.01
C PHE B 41 16.28 -5.89 13.28
N PHE B 42 16.67 -4.66 13.01
CA PHE B 42 17.91 -4.39 12.25
C PHE B 42 18.93 -3.51 12.98
N SER B 43 19.13 -3.76 14.27
CA SER B 43 20.10 -2.98 15.06
C SER B 43 21.48 -2.95 14.43
N SER B 44 21.90 -4.08 13.87
CA SER B 44 23.21 -4.21 13.25
C SER B 44 23.44 -3.40 11.99
N PHE B 45 22.41 -2.69 11.52
CA PHE B 45 22.55 -1.90 10.30
C PHE B 45 23.16 -0.54 10.56
N GLY B 46 23.36 -0.22 11.84
CA GLY B 46 23.96 1.03 12.22
C GLY B 46 23.09 2.26 12.22
N ASN B 47 23.47 3.24 11.40
CA ASN B 47 22.76 4.51 11.30
C ASN B 47 21.38 4.44 10.64
N LEU B 48 20.35 4.55 11.46
CA LEU B 48 18.96 4.54 11.02
C LEU B 48 18.30 5.76 11.67
N SER B 49 19.11 6.81 11.85
CA SER B 49 18.69 8.04 12.51
C SER B 49 17.78 9.00 11.76
N SER B 50 17.53 8.73 10.49
CA SER B 50 16.66 9.60 9.71
C SER B 50 16.38 9.01 8.35
N PRO B 51 15.37 9.56 7.65
CA PRO B 51 15.00 9.07 6.32
C PRO B 51 16.22 8.99 5.40
N SER B 52 16.91 10.12 5.23
CA SER B 52 18.09 10.17 4.36
C SER B 52 19.16 9.18 4.81
N ALA B 53 19.40 9.14 6.12
CA ALA B 53 20.38 8.21 6.66
C ALA B 53 20.01 6.78 6.28
N ILE B 54 18.75 6.42 6.53
CA ILE B 54 18.27 5.08 6.20
C ILE B 54 18.37 4.83 4.70
N LEU B 55 17.95 5.80 3.91
CA LEU B 55 17.99 5.69 2.46
C LEU B 55 19.40 5.56 1.90
N HIS B 56 20.40 6.04 2.64
CA HIS B 56 21.78 5.97 2.17
C HIS B 56 22.60 4.91 2.90
N ASN B 57 21.95 4.14 3.76
CA ASN B 57 22.63 3.09 4.50
C ASN B 57 22.96 1.91 3.60
N ALA B 58 24.24 1.58 3.50
CA ALA B 58 24.69 0.48 2.66
C ALA B 58 24.18 -0.89 3.12
N LYS B 59 24.01 -1.09 4.42
CA LYS B 59 23.52 -2.37 4.89
C LYS B 59 22.04 -2.53 4.51
N VAL B 60 21.30 -1.44 4.55
CA VAL B 60 19.89 -1.48 4.16
C VAL B 60 19.83 -1.91 2.69
N HIS B 61 20.66 -1.29 1.85
CA HIS B 61 20.71 -1.60 0.44
C HIS B 61 20.99 -3.08 0.19
N ALA B 62 22.10 -3.56 0.74
CA ALA B 62 22.52 -4.94 0.57
C ALA B 62 21.45 -5.92 1.03
N HIS B 63 20.85 -5.65 2.19
CA HIS B 63 19.82 -6.55 2.70
C HIS B 63 18.57 -6.47 1.81
N GLY B 64 18.23 -5.27 1.37
CA GLY B 64 17.07 -5.10 0.53
C GLY B 64 17.24 -5.90 -0.74
N LYS B 65 18.46 -5.94 -1.26
CA LYS B 65 18.73 -6.70 -2.47
C LYS B 65 18.40 -8.18 -2.23
N LYS B 66 18.84 -8.70 -1.09
CA LYS B 66 18.58 -10.09 -0.76
C LYS B 66 17.09 -10.37 -0.61
N VAL B 67 16.35 -9.38 -0.10
CA VAL B 67 14.91 -9.54 0.07
C VAL B 67 14.24 -9.70 -1.29
N LEU B 68 14.56 -8.79 -2.21
CA LEU B 68 13.99 -8.87 -3.54
C LEU B 68 14.44 -10.13 -4.30
N THR B 69 15.69 -10.53 -4.11
CA THR B 69 16.16 -11.74 -4.78
C THR B 69 15.31 -12.90 -4.31
N SER B 70 14.92 -12.85 -3.04
CA SER B 70 14.07 -13.89 -2.45
C SER B 70 12.70 -13.87 -3.14
N PHE B 71 12.13 -12.69 -3.33
CA PHE B 71 10.83 -12.61 -4.02
C PHE B 71 11.02 -13.22 -5.41
N GLY B 72 12.23 -13.11 -5.93
CA GLY B 72 12.54 -13.66 -7.23
C GLY B 72 12.39 -15.16 -7.24
N GLU B 73 12.67 -15.79 -6.10
CA GLU B 73 12.55 -17.23 -5.98
C GLU B 73 11.09 -17.63 -6.08
N ALA B 74 10.21 -16.74 -5.64
CA ALA B 74 8.79 -17.01 -5.69
C ALA B 74 8.35 -16.93 -7.15
N VAL B 75 8.91 -15.95 -7.87
CA VAL B 75 8.59 -15.74 -9.28
C VAL B 75 8.99 -16.93 -10.14
N LYS B 76 10.15 -17.51 -9.84
CA LYS B 76 10.65 -18.64 -10.61
C LYS B 76 9.78 -19.89 -10.46
N ASN B 77 8.99 -19.96 -9.41
CA ASN B 77 8.11 -21.10 -9.21
C ASN B 77 6.92 -20.69 -8.35
N LEU B 78 5.95 -20.03 -8.98
CA LEU B 78 4.76 -19.55 -8.31
C LEU B 78 3.93 -20.61 -7.62
N ASP B 79 3.99 -21.84 -8.12
CA ASP B 79 3.22 -22.94 -7.53
C ASP B 79 3.87 -23.59 -6.31
N GLN B 80 5.15 -23.31 -6.09
CA GLN B 80 5.87 -23.89 -4.96
C GLN B 80 6.26 -22.88 -3.87
N ILE B 81 5.50 -21.79 -3.75
CA ILE B 81 5.81 -20.77 -2.77
C ILE B 81 5.92 -21.25 -1.32
N LYS B 82 4.98 -22.06 -0.87
CA LYS B 82 5.04 -22.55 0.51
C LYS B 82 6.37 -23.23 0.83
N GLN B 83 6.81 -24.10 -0.08
CA GLN B 83 8.06 -24.83 0.09
C GLN B 83 9.27 -23.91 0.02
N THR B 84 9.27 -23.02 -0.97
CA THR B 84 10.39 -22.10 -1.17
C THR B 84 10.69 -21.24 0.07
N PHE B 85 9.67 -20.94 0.87
CA PHE B 85 9.87 -20.09 2.04
C PHE B 85 9.78 -20.79 3.39
N ALA B 86 9.63 -22.11 3.37
CA ALA B 86 9.52 -22.86 4.63
C ALA B 86 10.64 -22.50 5.60
N GLN B 87 11.88 -22.56 5.13
CA GLN B 87 13.03 -22.23 5.99
C GLN B 87 13.00 -20.78 6.45
N LEU B 88 12.77 -19.86 5.52
CA LEU B 88 12.72 -18.45 5.87
C LEU B 88 11.59 -18.23 6.87
N SER B 89 10.61 -19.12 6.84
CA SER B 89 9.48 -19.05 7.75
C SER B 89 9.97 -19.37 9.15
N GLU B 90 10.85 -20.35 9.25
CA GLU B 90 11.39 -20.73 10.54
C GLU B 90 12.22 -19.57 11.09
N LEU B 91 12.91 -18.87 10.19
CA LEU B 91 13.74 -17.73 10.57
C LEU B 91 12.91 -16.54 11.07
N HIS B 92 11.98 -16.07 10.25
CA HIS B 92 11.16 -14.92 10.59
C HIS B 92 10.14 -15.17 11.71
N SER B 93 9.39 -16.26 11.63
CA SER B 93 8.39 -16.57 12.65
C SER B 93 8.94 -17.26 13.88
N ASP B 94 9.31 -18.53 13.74
CA ASP B 94 9.84 -19.33 14.85
C ASP B 94 11.01 -18.72 15.62
N LYS B 95 11.97 -18.15 14.92
CA LYS B 95 13.14 -17.57 15.58
C LYS B 95 13.05 -16.10 15.96
N LEU B 96 12.76 -15.23 15.00
CA LEU B 96 12.70 -13.79 15.25
C LEU B 96 11.38 -13.26 15.81
N HIS B 97 10.32 -14.05 15.66
CA HIS B 97 9.00 -13.65 16.16
C HIS B 97 8.47 -12.39 15.48
N VAL B 98 8.87 -12.16 14.24
CA VAL B 98 8.38 -11.01 13.50
C VAL B 98 6.88 -11.22 13.31
N ASP B 99 6.07 -10.33 13.89
CA ASP B 99 4.63 -10.48 13.75
C ASP B 99 4.27 -10.45 12.26
N PRO B 100 3.45 -11.41 11.80
CA PRO B 100 3.03 -11.51 10.40
C PRO B 100 2.47 -10.23 9.78
N GLU B 101 1.91 -9.34 10.60
CA GLU B 101 1.37 -8.10 10.07
C GLU B 101 2.44 -7.34 9.29
N ASN B 102 3.69 -7.41 9.77
CA ASN B 102 4.78 -6.71 9.11
C ASN B 102 5.06 -7.24 7.70
N PHE B 103 4.76 -8.51 7.45
CA PHE B 103 4.97 -9.09 6.13
C PHE B 103 4.03 -8.40 5.16
N LYS B 104 2.79 -8.21 5.59
CA LYS B 104 1.79 -7.54 4.75
C LYS B 104 2.27 -6.12 4.48
N LEU B 105 2.73 -5.44 5.52
CA LEU B 105 3.21 -4.07 5.36
C LEU B 105 4.37 -3.97 4.38
N LEU B 106 5.29 -4.93 4.42
CA LEU B 106 6.40 -4.88 3.47
C LEU B 106 5.80 -5.13 2.09
N GLY B 107 4.82 -6.03 2.04
CA GLY B 107 4.14 -6.32 0.78
C GLY B 107 3.51 -5.04 0.24
N ASN B 108 2.82 -4.31 1.09
CA ASN B 108 2.23 -3.04 0.66
C ASN B 108 3.32 -2.07 0.21
N ILE B 109 4.42 -1.98 0.96
CA ILE B 109 5.52 -1.07 0.58
C ILE B 109 6.09 -1.43 -0.80
N LEU B 110 6.27 -2.72 -1.05
CA LEU B 110 6.81 -3.16 -2.33
C LEU B 110 5.89 -2.75 -3.48
N ILE B 111 4.59 -2.94 -3.30
CA ILE B 111 3.60 -2.60 -4.33
C ILE B 111 3.72 -1.11 -4.69
N ILE B 112 3.86 -0.28 -3.65
CA ILE B 112 3.98 1.15 -3.84
C ILE B 112 5.28 1.52 -4.54
N VAL B 113 6.35 0.80 -4.23
CA VAL B 113 7.65 1.03 -4.83
C VAL B 113 7.63 0.61 -6.29
N LEU B 114 6.92 -0.47 -6.59
CA LEU B 114 6.84 -0.92 -7.97
C LEU B 114 6.02 0.09 -8.75
N ALA B 115 4.96 0.59 -8.13
CA ALA B 115 4.09 1.56 -8.79
C ALA B 115 4.86 2.84 -9.13
N ALA B 116 5.65 3.33 -8.18
CA ALA B 116 6.41 4.56 -8.40
C ALA B 116 7.41 4.39 -9.54
N HIS B 117 8.03 3.23 -9.61
CA HIS B 117 9.03 2.97 -10.64
C HIS B 117 8.46 2.68 -12.03
N PHE B 118 7.39 1.91 -12.09
CA PHE B 118 6.82 1.53 -13.37
C PHE B 118 5.70 2.40 -13.94
N GLY B 119 5.22 3.36 -13.15
CA GLY B 119 4.17 4.24 -13.65
C GLY B 119 2.94 3.52 -14.20
N LYS B 120 2.35 4.09 -15.23
CA LYS B 120 1.14 3.54 -15.83
C LYS B 120 1.26 2.09 -16.30
N ASP B 121 2.47 1.59 -16.45
CA ASP B 121 2.64 0.20 -16.87
C ASP B 121 2.15 -0.71 -15.75
N PHE B 122 2.18 -0.20 -14.52
CA PHE B 122 1.72 -0.97 -13.37
C PHE B 122 0.21 -0.79 -13.27
N THR B 123 -0.50 -1.42 -14.19
CA THR B 123 -1.96 -1.32 -14.23
C THR B 123 -2.65 -2.00 -13.04
N PRO B 124 -3.96 -1.77 -12.89
CA PRO B 124 -4.72 -2.37 -11.79
C PRO B 124 -4.62 -3.89 -11.85
N ALA B 125 -4.66 -4.42 -13.07
CA ALA B 125 -4.59 -5.87 -13.25
C ALA B 125 -3.19 -6.35 -12.88
N SER B 126 -2.17 -5.55 -13.20
CA SER B 126 -0.81 -5.94 -12.86
C SER B 126 -0.65 -5.93 -11.35
N GLN B 127 -1.22 -4.92 -10.70
CA GLN B 127 -1.14 -4.80 -9.24
C GLN B 127 -1.84 -5.97 -8.57
N ALA B 128 -2.99 -6.36 -9.12
CA ALA B 128 -3.76 -7.48 -8.58
C ALA B 128 -2.90 -8.73 -8.57
N ALA B 129 -2.16 -8.96 -9.67
CA ALA B 129 -1.28 -10.13 -9.75
C ALA B 129 -0.19 -10.02 -8.70
N TRP B 130 0.45 -8.86 -8.60
CA TRP B 130 1.52 -8.69 -7.63
C TRP B 130 1.02 -8.77 -6.19
N GLN B 131 -0.22 -8.34 -5.97
CA GLN B 131 -0.81 -8.40 -4.65
C GLN B 131 -1.02 -9.85 -4.22
N LYS B 132 -1.29 -10.72 -5.18
CA LYS B 132 -1.51 -12.12 -4.86
C LYS B 132 -0.15 -12.73 -4.54
N LEU B 133 0.87 -12.30 -5.27
CA LEU B 133 2.20 -12.81 -5.03
C LEU B 133 2.72 -12.42 -3.63
N VAL B 134 2.75 -11.12 -3.32
CA VAL B 134 3.24 -10.70 -2.00
C VAL B 134 2.41 -11.29 -0.87
N SER B 135 1.10 -11.40 -1.07
CA SER B 135 0.24 -11.96 -0.04
C SER B 135 0.56 -13.44 0.16
N ALA B 136 0.89 -14.13 -0.94
CA ALA B 136 1.22 -15.55 -0.85
C ALA B 136 2.54 -15.72 -0.08
N VAL B 137 3.53 -14.88 -0.38
CA VAL B 137 4.81 -14.96 0.30
C VAL B 137 4.61 -14.65 1.80
N ALA B 138 3.85 -13.61 2.09
CA ALA B 138 3.57 -13.22 3.48
C ALA B 138 2.99 -14.41 4.24
N HIS B 139 2.06 -15.12 3.58
CA HIS B 139 1.40 -16.28 4.17
C HIS B 139 2.36 -17.45 4.40
N ALA B 140 3.27 -17.66 3.46
CA ALA B 140 4.24 -18.74 3.55
C ALA B 140 5.28 -18.44 4.62
N LEU B 141 5.46 -17.16 4.95
CA LEU B 141 6.43 -16.78 5.98
C LEU B 141 5.87 -16.87 7.40
N ALA B 142 4.55 -16.76 7.52
CA ALA B 142 3.91 -16.83 8.83
C ALA B 142 3.98 -18.25 9.39
N LEU B 143 3.64 -18.38 10.66
CA LEU B 143 3.64 -19.67 11.34
C LEU B 143 3.07 -20.74 10.41
N ARG B 144 3.76 -21.86 10.30
CA ARG B 144 3.31 -22.93 9.43
C ARG B 144 2.25 -23.83 10.05
N TYR B 145 1.09 -23.92 9.40
CA TYR B 145 0.01 -24.77 9.86
C TYR B 145 0.01 -26.03 9.00
N HIS B 146 -0.32 -27.16 9.61
CA HIS B 146 -0.33 -28.42 8.89
C HIS B 146 -1.73 -28.98 8.83
CHA HEM C . -20.46 6.57 -0.12
CHB HEM C . -16.45 8.93 1.06
CHC HEM C . -14.42 4.84 2.21
CHD HEM C . -18.43 2.45 1.13
C1A HEM C . -19.54 7.63 0.12
C2A HEM C . -19.73 8.93 -0.25
C3A HEM C . -18.57 9.63 0.07
C4A HEM C . -17.83 8.73 0.80
CMA HEM C . -18.38 11.13 0.05
CAA HEM C . -21.04 9.54 -0.80
CBA HEM C . -21.94 10.07 0.25
CGA HEM C . -23.14 10.90 -0.22
O1A HEM C . -23.28 11.29 -1.40
O2A HEM C . -24.23 10.74 0.36
C1B HEM C . -15.59 8.07 1.77
C2B HEM C . -14.30 8.42 2.18
C3B HEM C . -13.74 7.20 2.51
C4B HEM C . -14.57 6.22 2.03
CMB HEM C . -13.85 9.84 2.36
CAB HEM C . -12.54 6.99 3.22
CBB HEM C . -11.28 7.48 2.79
C1C HEM C . -15.30 3.76 2.03
C2C HEM C . -14.93 2.43 2.02
C3C HEM C . -16.13 1.75 1.82
C4C HEM C . -17.09 2.67 1.51
CMC HEM C . -13.59 1.87 2.54
CAC HEM C . -16.36 0.38 1.82
CBC HEM C . -15.72 -0.63 1.03
C1D HEM C . -19.34 3.33 0.56
C2D HEM C . -20.60 3.00 0.07
C3D HEM C . -21.27 4.20 -0.06
C4D HEM C . -20.28 5.19 0.08
CMD HEM C . -21.10 1.64 -0.25
CAD HEM C . -22.54 4.41 -0.95
CBD HEM C . -22.17 4.20 -2.44
CGD HEM C . -23.38 4.33 -3.40
O1D HEM C . -24.17 3.44 -3.40
O2D HEM C . -23.64 5.44 -3.78
NA HEM C . -18.30 7.47 0.61
NB HEM C . -15.73 6.75 1.68
NC HEM C . -16.61 3.93 1.70
ND HEM C . -19.19 4.64 0.61
FE HEM C . -17.43 5.69 1.13
CHA HEM D . 16.24 -12.08 6.80
CHB HEM D . 13.23 -9.19 9.19
CHC HEM D . 10.04 -9.70 5.69
CHD HEM D . 13.24 -12.09 3.08
C1A HEM D . 15.73 -11.21 7.80
C2A HEM D . 16.33 -10.93 8.99
C3A HEM D . 15.49 -10.02 9.67
C4A HEM D . 14.39 -9.92 8.89
CMA HEM D . 15.70 -9.40 11.02
CAA HEM D . 17.79 -11.26 9.35
CBA HEM D . 18.79 -10.25 8.96
CGA HEM D . 20.20 -10.42 9.60
O1A HEM D . 20.33 -10.69 10.81
O2A HEM D . 21.02 -11.05 8.90
C1B HEM D . 12.06 -8.97 8.46
C2B HEM D . 10.97 -8.15 8.77
C3B HEM D . 10.05 -8.38 7.77
C4B HEM D . 10.65 -9.23 6.85
CMB HEM D . 10.85 -7.27 9.99
CAB HEM D . 8.75 -7.86 7.56
CBB HEM D . 8.56 -6.55 7.18
C1C HEM D . 10.59 -10.43 4.68
C2C HEM D . 9.89 -10.73 3.48
C3C HEM D . 10.87 -11.35 2.71
C4C HEM D . 12.03 -11.49 3.46
CMC HEM D . 8.40 -10.51 3.16
CAC HEM D . 10.71 -11.88 1.41
CBC HEM D . 10.95 -13.21 1.08
C1D HEM D . 14.37 -12.36 3.84
C2D HEM D . 15.52 -13.01 3.41
C3D HEM D . 16.37 -13.06 4.52
C4D HEM D . 15.74 -12.30 5.51
CMD HEM D . 15.80 -13.63 2.08
CAD HEM D . 17.75 -13.74 4.62
CBD HEM D . 18.89 -12.89 4.06
CGD HEM D . 20.33 -13.37 4.31
O1D HEM D . 20.56 -14.54 4.49
O2D HEM D . 21.18 -12.57 4.16
NA HEM D . 14.54 -10.58 7.74
NB HEM D . 11.85 -9.57 7.28
NC HEM D . 11.87 -10.90 4.68
ND HEM D . 14.53 -11.94 5.09
FE HEM D . 13.19 -10.69 6.22
#